data_1N17
#
_entry.id   1N17
#
loop_
_entity.id
_entity.type
_entity.pdbx_description
1 polymer "5'-D(*GP*CP*TP*AP*AP*GP*(S6G)P*AP*AP*AP*GP*CP*C)-3'"
2 polymer "5'-D(*GP*GP*CP*TP*TP*TP*CP*CP*TP*TP*AP*GP*C)-3'"
#
loop_
_entity_poly.entity_id
_entity_poly.type
_entity_poly.pdbx_seq_one_letter_code
_entity_poly.pdbx_strand_id
1 'polydeoxyribonucleotide' (DG)(DC)(DT)(DA)(DA)(DG)(S6G)(DA)(DA)(DA)(DG)(DC)(DC) A
2 'polydeoxyribonucleotide' (DG)(DG)(DC)(DT)(DT)(DT)(DC)(DC)(DT)(DT)(DA)(DG)(DC) B
#